data_6W2M
#
_entry.id   6W2M
#
_cell.length_a   50.751
_cell.length_b   80.462
_cell.length_c   55.612
_cell.angle_alpha   90.000
_cell.angle_beta   107.750
_cell.angle_gamma   90.000
#
_symmetry.space_group_name_H-M   'P 1 21 1'
#
loop_
_entity.id
_entity.type
_entity.pdbx_description
1 polymer 'DNA polymerase beta'
2 polymer 'Template Strand'
3 polymer 'Primer Strand'
4 polymer 'Downstream Primer Strand'
5 non-polymer 'MAGNESIUM ION'
6 non-polymer 'SODIUM ION'
7 non-polymer 'CHLORIDE ION'
8 non-polymer '[[[(2~{R},3~{S},5~{R})-5-(4-azanyl-2-oxidanylidene-pyrimidin-1-yl)-3-oxidanyl-oxolan-2-yl]methoxy-oxidanyl-phosphoryl]oxy-oxidanyl-phosphoryl]methylphosphonic acid'
9 water water
#
loop_
_entity_poly.entity_id
_entity_poly.type
_entity_poly.pdbx_seq_one_letter_code
_entity_poly.pdbx_strand_id
1 'polypeptide(L)'
;MSKRKAPQETLNGGITDMLTELANFEKNVSQAIHKYNAYRKAASVIAKYPHKIKSGAEAKKLPGVGTKIAEKIDEFLATG
KLRKLEKIRQDDTSSSINFLTRVSGIGPSAARKFVDEGIKTLEDLRKNEDKLNHHQRIGLKYFGDFEKRIPREEMLQMQD
IVLNEVKKVDSEYIATVCGSFRRGAESSGDMDVLLTHPSFTSESTKQPKLLHQVVEQLQKVHFITDTLSKGETKFMGVCQ
LPSKNDEKEYPHRRIDIRLIPKDQYYCGVLYFTGSDIFNKNMRAHALEKGFTINEYTIRPLGVTGVAGEPLPVDSEKDIF
DYIQWKYREPKDRSE
;
A
2 'polydeoxyribonucleotide' (DC)(DC)(DG)(DA)(DC)(DG)(8OG)(DC)(DG)(DC)(DA)(DT)(DC)(DA)(DG)(DC) T
3 'polydeoxyribonucleotide' (DG)(DC)(DT)(DG)(DA)(DT)(DG)(DC)(DG)(DA)(DC) P
4 'polydeoxyribonucleotide' (DG)(DT)(DC)(DG)(DG) D
#
loop_
_chem_comp.id
_chem_comp.type
_chem_comp.name
_chem_comp.formula
8OG DNA linking 8-OXO-2'-DEOXY-GUANOSINE-5'-MONOPHOSPHATE 'C10 H14 N5 O8 P'
CL non-polymer 'CHLORIDE ION' 'Cl -1'
DA DNA linking 2'-DEOXYADENOSINE-5'-MONOPHOSPHATE 'C10 H14 N5 O6 P'
DC DNA linking 2'-DEOXYCYTIDINE-5'-MONOPHOSPHATE 'C9 H14 N3 O7 P'
DG DNA linking 2'-DEOXYGUANOSINE-5'-MONOPHOSPHATE 'C10 H14 N5 O7 P'
DT DNA linking THYMIDINE-5'-MONOPHOSPHATE 'C10 H15 N2 O8 P'
MG non-polymer 'MAGNESIUM ION' 'Mg 2'
NA non-polymer 'SODIUM ION' 'Na 1'
SFV non-polymer '[[[(2~{R},3~{S},5~{R})-5-(4-azanyl-2-oxidanylidene-pyrimidin-1-yl)-3-oxidanyl-oxolan-2-yl]methoxy-oxidanyl-phosphoryl]oxy-oxidanyl-phosphoryl]methylphosphonic acid' 'C10 H18 N3 O12 P3'
#
# COMPACT_ATOMS: atom_id res chain seq x y z
N THR A 10 -1.18 16.97 10.42
CA THR A 10 -0.27 18.08 10.15
C THR A 10 0.02 18.89 11.41
N LEU A 11 -0.50 18.44 12.56
CA LEU A 11 -0.13 19.06 13.82
C LEU A 11 1.39 19.00 14.05
N ASN A 12 2.01 17.89 13.65
CA ASN A 12 3.46 17.75 13.69
C ASN A 12 3.99 17.44 12.30
N GLY A 13 3.43 18.11 11.29
CA GLY A 13 3.73 17.76 9.91
C GLY A 13 5.19 17.89 9.55
N GLY A 14 5.86 18.92 10.08
CA GLY A 14 7.26 19.12 9.76
C GLY A 14 8.12 17.93 10.18
N ILE A 15 7.85 17.39 11.36
CA ILE A 15 8.63 16.25 11.86
C ILE A 15 8.28 14.99 11.07
N THR A 16 6.99 14.73 10.87
CA THR A 16 6.66 13.50 10.17
C THR A 16 7.12 13.53 8.71
N ASP A 17 7.13 14.72 8.10
CA ASP A 17 7.72 14.84 6.77
C ASP A 17 9.19 14.44 6.79
N MET A 18 9.93 14.92 7.81
CA MET A 18 11.36 14.64 7.91
C MET A 18 11.63 13.16 8.07
N LEU A 19 10.86 12.50 8.93
CA LEU A 19 11.08 11.09 9.16
C LEU A 19 10.70 10.27 7.93
N THR A 20 9.64 10.68 7.21
CA THR A 20 9.25 10.00 5.98
C THR A 20 10.34 10.12 4.91
N GLU A 21 10.97 11.30 4.79
CA GLU A 21 12.08 11.46 3.87
C GLU A 21 13.27 10.59 4.30
N LEU A 22 13.54 10.54 5.60
CA LEU A 22 14.58 9.65 6.08
C LEU A 22 14.25 8.19 5.77
N ALA A 23 12.99 7.78 5.98
CA ALA A 23 12.60 6.41 5.64
C ALA A 23 12.85 6.12 4.16
N ASN A 24 12.44 7.04 3.29
CA ASN A 24 12.61 6.81 1.85
C ASN A 24 14.08 6.67 1.49
N PHE A 25 14.94 7.51 2.08
CA PHE A 25 16.38 7.39 1.87
C PHE A 25 16.89 6.00 2.24
N GLU A 26 16.54 5.53 3.44
CA GLU A 26 17.03 4.25 3.90
C GLU A 26 16.50 3.12 3.03
N LYS A 27 15.24 3.22 2.61
CA LYS A 27 14.68 2.24 1.68
C LYS A 27 15.39 2.31 0.33
N ASN A 28 15.34 3.47 -0.32
CA ASN A 28 15.67 3.55 -1.74
C ASN A 28 17.18 3.49 -1.98
N VAL A 29 17.98 4.13 -1.11
CA VAL A 29 19.39 4.36 -1.37
C VAL A 29 20.23 3.38 -0.57
N SER A 30 20.09 3.44 0.76
CA SER A 30 20.80 2.54 1.66
C SER A 30 20.35 1.09 1.53
N GLN A 31 19.15 0.85 1.04
CA GLN A 31 18.57 -0.49 1.01
C GLN A 31 18.58 -1.10 2.39
N ALA A 32 18.16 -0.30 3.37
CA ALA A 32 18.12 -0.71 4.78
C ALA A 32 16.65 -0.75 5.20
N ILE A 33 15.99 -1.90 4.98
CA ILE A 33 14.54 -1.94 5.10
C ILE A 33 14.09 -1.81 6.54
N HIS A 34 14.91 -2.24 7.50
CA HIS A 34 14.48 -2.13 8.89
C HIS A 34 14.59 -0.68 9.37
N LYS A 35 15.59 0.06 8.89
CA LYS A 35 15.62 1.48 9.17
C LYS A 35 14.46 2.19 8.51
N TYR A 36 14.08 1.74 7.31
CA TYR A 36 12.88 2.28 6.67
C TYR A 36 11.67 2.03 7.55
N ASN A 37 11.52 0.80 8.06
CA ASN A 37 10.36 0.47 8.89
C ASN A 37 10.39 1.21 10.22
N ALA A 38 11.57 1.43 10.79
CA ALA A 38 11.66 2.19 12.03
C ALA A 38 11.19 3.63 11.85
N TYR A 39 11.67 4.30 10.79
CA TYR A 39 11.25 5.68 10.55
C TYR A 39 9.76 5.77 10.28
N ARG A 40 9.21 4.81 9.54
CA ARG A 40 7.77 4.87 9.27
C ARG A 40 6.97 4.67 10.55
N LYS A 41 7.42 3.76 11.43
CA LYS A 41 6.73 3.54 12.69
C LYS A 41 6.76 4.80 13.55
N ALA A 42 7.91 5.48 13.60
CA ALA A 42 8.04 6.70 14.38
C ALA A 42 7.15 7.80 13.83
N ALA A 43 7.16 7.96 12.50
CA ALA A 43 6.29 8.95 11.87
C ALA A 43 4.82 8.64 12.16
N SER A 44 4.45 7.37 12.10
CA SER A 44 3.06 6.98 12.38
C SER A 44 2.66 7.33 13.80
N VAL A 45 3.50 6.98 14.78
CA VAL A 45 3.13 7.21 16.17
C VAL A 45 3.12 8.71 16.46
N ILE A 46 3.97 9.47 15.78
CA ILE A 46 3.98 10.92 16.00
C ILE A 46 2.81 11.57 15.30
N ALA A 47 2.42 11.05 14.12
CA ALA A 47 1.31 11.62 13.38
C ALA A 47 0.02 11.59 14.18
N LYS A 48 -0.17 10.56 15.00
CA LYS A 48 -1.42 10.47 15.73
C LYS A 48 -1.32 11.09 17.13
N TYR A 49 -0.14 11.52 17.54
CA TYR A 49 0.06 12.17 18.83
C TYR A 49 -0.65 13.51 18.86
N PRO A 50 -1.59 13.75 19.79
CA PRO A 50 -2.46 14.93 19.67
C PRO A 50 -1.93 16.21 20.31
N HIS A 51 -0.62 16.32 20.47
CA HIS A 51 0.02 17.54 20.96
C HIS A 51 1.08 17.99 19.98
N LYS A 52 1.22 19.31 19.79
CA LYS A 52 2.36 19.82 19.03
C LYS A 52 3.65 19.61 19.81
N ILE A 53 4.50 18.70 19.32
CA ILE A 53 5.72 18.30 20.03
C ILE A 53 6.64 19.49 20.20
N LYS A 54 7.20 19.66 21.41
CA LYS A 54 8.13 20.75 21.69
C LYS A 54 9.57 20.30 21.89
N SER A 55 9.83 18.99 21.99
CA SER A 55 11.19 18.54 22.21
C SER A 55 11.33 17.08 21.78
N GLY A 56 12.56 16.69 21.46
CA GLY A 56 12.84 15.28 21.24
C GLY A 56 12.53 14.45 22.48
N ALA A 57 12.81 14.99 23.67
CA ALA A 57 12.50 14.30 24.90
C ALA A 57 11.03 13.92 24.95
N GLU A 58 10.16 14.88 24.63
CA GLU A 58 8.73 14.62 24.63
C GLU A 58 8.39 13.50 23.64
N ALA A 59 8.92 13.58 22.42
CA ALA A 59 8.66 12.54 21.43
C ALA A 59 9.30 11.21 21.83
N LYS A 60 10.42 11.25 22.57
CA LYS A 60 11.04 9.98 22.92
C LYS A 60 10.17 9.17 23.88
N LYS A 61 9.13 9.78 24.46
CA LYS A 61 8.19 9.03 25.27
C LYS A 61 7.31 8.12 24.43
N LEU A 62 7.13 8.41 23.15
CA LEU A 62 6.27 7.58 22.32
C LEU A 62 7.01 6.31 21.90
N PRO A 63 6.34 5.16 21.89
CA PRO A 63 6.98 3.90 21.48
C PRO A 63 7.34 3.94 20.00
N GLY A 64 8.61 3.71 19.69
CA GLY A 64 9.12 3.80 18.34
C GLY A 64 10.03 4.99 18.09
N VAL A 65 10.00 5.97 18.97
CA VAL A 65 10.93 7.09 18.91
C VAL A 65 12.03 6.83 19.94
N GLY A 66 13.26 6.66 19.45
CA GLY A 66 14.40 6.40 20.29
C GLY A 66 15.36 7.56 20.34
N THR A 67 16.60 7.26 20.74
CA THR A 67 17.57 8.33 20.99
C THR A 67 17.92 9.09 19.72
N LYS A 68 18.11 8.38 18.62
CA LYS A 68 18.55 9.04 17.38
C LYS A 68 17.46 9.94 16.81
N ILE A 69 16.22 9.45 16.76
CA ILE A 69 15.14 10.27 16.23
C ILE A 69 14.85 11.45 17.16
N ALA A 70 14.97 11.24 18.47
CA ALA A 70 14.78 12.35 19.40
C ALA A 70 15.79 13.47 19.13
N GLU A 71 17.05 13.10 18.89
CA GLU A 71 18.05 14.10 18.54
C GLU A 71 17.68 14.84 17.25
N LYS A 72 17.19 14.10 16.24
CA LYS A 72 16.81 14.73 14.99
C LYS A 72 15.65 15.67 15.17
N ILE A 73 14.73 15.35 16.08
CA ILE A 73 13.61 16.23 16.35
C ILE A 73 14.08 17.51 17.03
N ASP A 74 15.12 17.42 17.86
CA ASP A 74 15.68 18.62 18.47
C ASP A 74 16.35 19.50 17.42
N GLU A 75 17.18 18.92 16.55
CA GLU A 75 17.75 19.71 15.46
C GLU A 75 16.64 20.35 14.62
N PHE A 76 15.61 19.58 14.30
CA PHE A 76 14.54 20.11 13.45
C PHE A 76 13.77 21.22 14.15
N LEU A 77 13.49 21.07 15.44
CA LEU A 77 12.71 22.12 16.10
C LEU A 77 13.51 23.40 16.27
N ALA A 78 14.83 23.28 16.43
CA ALA A 78 15.67 24.47 16.57
C ALA A 78 15.88 25.18 15.24
N THR A 79 16.29 24.44 14.21
CA THR A 79 16.68 25.05 12.95
C THR A 79 15.61 25.00 11.87
N GLY A 80 14.57 24.19 12.03
CA GLY A 80 13.65 23.95 10.95
C GLY A 80 14.15 22.98 9.90
N LYS A 81 15.27 22.30 10.16
CA LYS A 81 15.89 21.49 9.13
C LYS A 81 16.78 20.45 9.78
N LEU A 82 17.23 19.50 8.95
CA LEU A 82 18.14 18.42 9.32
C LEU A 82 19.29 18.42 8.34
N ARG A 83 20.51 18.67 8.83
CA ARG A 83 21.69 18.68 7.97
C ARG A 83 21.85 17.37 7.22
N LYS A 84 21.59 16.24 7.90
CA LYS A 84 21.68 14.95 7.23
C LYS A 84 20.81 14.91 5.98
N LEU A 85 19.60 15.47 6.04
CA LEU A 85 18.76 15.51 4.85
C LEU A 85 19.23 16.56 3.85
N GLU A 86 19.72 17.71 4.32
CA GLU A 86 20.20 18.72 3.40
C GLU A 86 21.29 18.18 2.49
N LYS A 87 22.23 17.42 3.06
CA LYS A 87 23.29 16.87 2.22
C LYS A 87 22.81 15.70 1.37
N ILE A 88 21.84 14.92 1.86
CA ILE A 88 21.24 13.88 1.01
C ILE A 88 20.66 14.52 -0.25
N ARG A 89 19.89 15.60 -0.09
CA ARG A 89 19.31 16.29 -1.25
C ARG A 89 20.39 16.81 -2.20
N GLN A 90 21.57 17.16 -1.67
CA GLN A 90 22.67 17.61 -2.51
C GLN A 90 23.36 16.47 -3.23
N ASP A 91 23.29 15.25 -2.71
CA ASP A 91 24.01 14.14 -3.32
C ASP A 91 23.34 13.73 -4.62
N ASP A 92 24.08 13.76 -5.71
CA ASP A 92 23.49 13.45 -7.02
C ASP A 92 23.06 11.99 -7.10
N THR A 93 23.88 11.06 -6.61
CA THR A 93 23.50 9.65 -6.71
C THR A 93 22.23 9.36 -5.90
N SER A 94 22.15 9.87 -4.67
CA SER A 94 20.96 9.68 -3.87
C SER A 94 19.73 10.28 -4.54
N SER A 95 19.86 11.51 -5.03
CA SER A 95 18.76 12.18 -5.70
C SER A 95 18.26 11.38 -6.91
N SER A 96 19.19 10.83 -7.68
CA SER A 96 18.81 10.09 -8.88
C SER A 96 18.13 8.78 -8.51
N ILE A 97 18.69 8.07 -7.55
CA ILE A 97 18.09 6.81 -7.10
C ILE A 97 16.72 7.08 -6.50
N ASN A 98 16.62 8.11 -5.64
CA ASN A 98 15.33 8.44 -5.05
C ASN A 98 14.30 8.75 -6.13
N PHE A 99 14.70 9.51 -7.15
CA PHE A 99 13.77 9.83 -8.24
C PHE A 99 13.33 8.57 -8.97
N LEU A 100 14.30 7.76 -9.43
CA LEU A 100 13.97 6.62 -10.27
C LEU A 100 13.02 5.65 -9.56
N THR A 101 13.16 5.48 -8.24
CA THR A 101 12.26 4.56 -7.52
C THR A 101 10.82 5.05 -7.47
N ARG A 102 10.54 6.28 -7.87
CA ARG A 102 9.16 6.75 -7.97
C ARG A 102 8.47 6.26 -9.23
N VAL A 103 9.18 5.64 -10.15
CA VAL A 103 8.57 5.01 -11.33
C VAL A 103 8.13 3.61 -10.96
N SER A 104 6.84 3.32 -11.13
CA SER A 104 6.30 2.01 -10.77
C SER A 104 7.06 0.91 -11.51
N GLY A 105 7.62 -0.03 -10.77
CA GLY A 105 8.41 -1.11 -11.33
C GLY A 105 9.91 -0.95 -11.15
N ILE A 106 10.39 0.27 -10.93
CA ILE A 106 11.79 0.51 -10.62
C ILE A 106 11.92 0.51 -9.10
N GLY A 107 12.55 -0.52 -8.55
CA GLY A 107 12.86 -0.56 -7.14
C GLY A 107 14.27 -0.08 -6.85
N PRO A 108 14.69 -0.14 -5.59
CA PRO A 108 16.04 0.31 -5.23
C PRO A 108 17.15 -0.33 -6.06
N SER A 109 17.07 -1.63 -6.30
CA SER A 109 18.16 -2.30 -7.01
C SER A 109 18.21 -1.86 -8.48
N ALA A 110 17.07 -1.85 -9.16
CA ALA A 110 17.06 -1.40 -10.56
C ALA A 110 17.44 0.06 -10.68
N ALA A 111 16.97 0.89 -9.74
CA ALA A 111 17.30 2.32 -9.80
C ALA A 111 18.80 2.54 -9.76
N ARG A 112 19.48 1.86 -8.84
CA ARG A 112 20.93 2.00 -8.72
C ARG A 112 21.64 1.45 -9.95
N LYS A 113 21.14 0.34 -10.51
CA LYS A 113 21.72 -0.22 -11.73
C LYS A 113 21.52 0.72 -12.93
N PHE A 114 20.37 1.39 -13.00
CA PHE A 114 20.16 2.40 -14.03
C PHE A 114 21.11 3.57 -13.83
N VAL A 115 21.30 4.00 -12.58
CA VAL A 115 22.23 5.11 -12.32
C VAL A 115 23.63 4.75 -12.77
N ASP A 116 24.05 3.49 -12.57
CA ASP A 116 25.37 3.06 -13.03
C ASP A 116 25.51 3.17 -14.54
N GLU A 117 24.42 2.88 -15.26
CA GLU A 117 24.45 2.90 -16.72
C GLU A 117 24.18 4.29 -17.29
N GLY A 118 24.21 5.32 -16.46
CA GLY A 118 23.96 6.68 -16.90
C GLY A 118 22.51 7.04 -17.18
N ILE A 119 21.56 6.21 -16.76
CA ILE A 119 20.14 6.50 -16.92
C ILE A 119 19.63 7.07 -15.60
N LYS A 120 19.35 8.37 -15.57
CA LYS A 120 19.15 9.10 -14.34
C LYS A 120 17.96 10.06 -14.36
N THR A 121 17.31 10.27 -15.50
CA THR A 121 16.22 11.23 -15.60
C THR A 121 15.07 10.63 -16.38
N LEU A 122 13.95 11.35 -16.36
CA LEU A 122 12.78 10.94 -17.12
C LEU A 122 13.11 10.87 -18.61
N GLU A 123 13.83 11.88 -19.12
CA GLU A 123 14.23 11.83 -20.52
C GLU A 123 15.16 10.65 -20.77
N ASP A 124 16.10 10.38 -19.85
CA ASP A 124 16.93 9.18 -19.93
C ASP A 124 16.08 7.92 -20.06
N LEU A 125 15.04 7.79 -19.23
CA LEU A 125 14.21 6.60 -19.27
C LEU A 125 13.46 6.48 -20.58
N ARG A 126 12.94 7.59 -21.08
CA ARG A 126 12.19 7.53 -22.35
C ARG A 126 13.08 7.14 -23.51
N LYS A 127 14.34 7.56 -23.50
CA LYS A 127 15.27 7.18 -24.55
C LYS A 127 15.65 5.70 -24.47
N ASN A 128 15.41 5.06 -23.34
CA ASN A 128 15.93 3.72 -23.09
C ASN A 128 14.81 2.76 -22.75
N GLU A 129 13.65 2.93 -23.39
CA GLU A 129 12.52 2.05 -23.15
C GLU A 129 12.90 0.59 -23.39
N ASP A 130 13.80 0.33 -24.34
CA ASP A 130 14.24 -1.04 -24.59
C ASP A 130 14.94 -1.65 -23.38
N LYS A 131 15.40 -0.83 -22.43
CA LYS A 131 16.01 -1.33 -21.22
C LYS A 131 15.01 -1.60 -20.10
N LEU A 132 13.71 -1.39 -20.32
CA LEU A 132 12.70 -1.50 -19.29
C LEU A 132 11.89 -2.78 -19.48
N ASN A 133 11.59 -3.47 -18.39
CA ASN A 133 10.62 -4.55 -18.46
C ASN A 133 9.20 -3.98 -18.63
N HIS A 134 8.21 -4.86 -18.72
CA HIS A 134 6.85 -4.44 -19.04
C HIS A 134 6.28 -3.52 -17.97
N HIS A 135 6.30 -3.98 -16.71
CA HIS A 135 5.88 -3.15 -15.59
C HIS A 135 6.51 -1.75 -15.65
N GLN A 136 7.84 -1.69 -15.78
CA GLN A 136 8.52 -0.40 -15.81
C GLN A 136 8.03 0.49 -16.95
N ARG A 137 7.76 -0.08 -18.13
CA ARG A 137 7.33 0.74 -19.26
C ARG A 137 5.98 1.39 -18.98
N ILE A 138 5.06 0.63 -18.36
CA ILE A 138 3.78 1.20 -17.98
C ILE A 138 3.96 2.26 -16.91
N GLY A 139 4.82 2.00 -15.93
CA GLY A 139 5.10 3.01 -14.91
C GLY A 139 5.68 4.29 -15.49
N LEU A 140 6.59 4.16 -16.47
CA LEU A 140 7.09 5.34 -17.16
C LEU A 140 5.96 6.04 -17.92
N LYS A 141 5.13 5.28 -18.62
CA LYS A 141 4.06 5.84 -19.46
C LYS A 141 3.13 6.74 -18.65
N TYR A 142 2.77 6.29 -17.45
CA TYR A 142 1.80 7.00 -16.63
C TYR A 142 2.47 7.64 -15.41
N PHE A 143 3.73 8.04 -15.54
CA PHE A 143 4.47 8.56 -14.38
C PHE A 143 3.71 9.69 -13.70
N GLY A 144 3.27 10.68 -14.50
CA GLY A 144 2.53 11.78 -13.92
C GLY A 144 1.19 11.36 -13.33
N ASP A 145 0.48 10.47 -14.02
CA ASP A 145 -0.86 10.10 -13.56
C ASP A 145 -0.80 9.36 -12.22
N PHE A 146 0.16 8.46 -12.06
CA PHE A 146 0.18 7.61 -10.88
C PHE A 146 0.58 8.36 -9.63
N GLU A 147 1.11 9.57 -9.74
CA GLU A 147 1.41 10.34 -8.54
C GLU A 147 0.26 11.26 -8.14
N LYS A 148 -0.80 11.33 -8.94
CA LYS A 148 -1.99 12.07 -8.53
C LYS A 148 -2.86 11.23 -7.61
N ARG A 149 -3.48 11.89 -6.64
CA ARG A 149 -4.44 11.18 -5.79
C ARG A 149 -5.81 11.13 -6.48
N ILE A 150 -6.64 10.22 -6.00
CA ILE A 150 -7.97 10.00 -6.56
C ILE A 150 -8.98 10.59 -5.58
N PRO A 151 -9.74 11.62 -5.95
CA PRO A 151 -10.77 12.13 -5.05
C PRO A 151 -11.76 11.03 -4.74
N ARG A 152 -12.29 11.06 -3.51
CA ARG A 152 -13.25 10.03 -3.11
C ARG A 152 -14.44 9.97 -4.07
N GLU A 153 -14.82 11.12 -4.64
CA GLU A 153 -15.92 11.16 -5.60
C GLU A 153 -15.62 10.28 -6.80
N GLU A 154 -14.41 10.39 -7.35
CA GLU A 154 -14.03 9.48 -8.44
C GLU A 154 -13.93 8.03 -7.95
N MET A 155 -13.50 7.81 -6.71
CA MET A 155 -13.52 6.46 -6.16
C MET A 155 -14.95 5.90 -6.17
N LEU A 156 -15.95 6.76 -5.95
CA LEU A 156 -17.34 6.29 -5.95
C LEU A 156 -17.78 5.87 -7.35
N GLN A 157 -17.46 6.69 -8.37
CA GLN A 157 -17.74 6.31 -9.76
C GLN A 157 -17.00 5.03 -10.15
N MET A 158 -15.74 4.91 -9.76
CA MET A 158 -14.98 3.70 -10.10
C MET A 158 -15.60 2.46 -9.45
N GLN A 159 -15.93 2.57 -8.16
CA GLN A 159 -16.63 1.50 -7.46
C GLN A 159 -17.89 1.06 -8.21
N ASP A 160 -18.67 2.04 -8.68
CA ASP A 160 -19.95 1.70 -9.29
C ASP A 160 -19.75 0.88 -10.55
N ILE A 161 -18.79 1.28 -11.40
CA ILE A 161 -18.46 0.50 -12.59
C ILE A 161 -18.03 -0.92 -12.22
N VAL A 162 -17.05 -1.06 -11.33
CA VAL A 162 -16.48 -2.37 -11.04
C VAL A 162 -17.56 -3.33 -10.52
N LEU A 163 -18.36 -2.87 -9.56
CA LEU A 163 -19.37 -3.74 -8.97
C LEU A 163 -20.44 -4.12 -9.99
N ASN A 164 -20.87 -3.17 -10.81
CA ASN A 164 -21.87 -3.47 -11.80
C ASN A 164 -21.31 -4.38 -12.90
N GLU A 165 -20.07 -4.15 -13.32
CA GLU A 165 -19.49 -4.99 -14.36
C GLU A 165 -19.26 -6.40 -13.82
N VAL A 166 -18.83 -6.49 -12.57
CA VAL A 166 -18.64 -7.78 -11.93
C VAL A 166 -19.98 -8.51 -11.85
N LYS A 167 -21.05 -7.78 -11.52
CA LYS A 167 -22.37 -8.40 -11.47
C LYS A 167 -22.77 -8.98 -12.83
N LYS A 168 -22.35 -8.33 -13.92
CA LYS A 168 -22.74 -8.80 -15.25
C LYS A 168 -22.06 -10.11 -15.60
N VAL A 169 -20.84 -10.34 -15.11
CA VAL A 169 -20.17 -11.62 -15.38
C VAL A 169 -20.85 -12.75 -14.62
N ASP A 170 -21.14 -12.53 -13.34
CA ASP A 170 -21.75 -13.56 -12.50
C ASP A 170 -22.31 -12.85 -11.29
N SER A 171 -23.64 -12.94 -11.12
CA SER A 171 -24.33 -12.30 -10.01
C SER A 171 -23.84 -12.76 -8.65
N GLU A 172 -23.06 -13.85 -8.57
CA GLU A 172 -22.61 -14.37 -7.28
C GLU A 172 -21.22 -13.89 -6.88
N TYR A 173 -20.51 -13.16 -7.75
CA TYR A 173 -19.32 -12.47 -7.30
C TYR A 173 -19.69 -11.43 -6.25
N ILE A 174 -18.77 -11.17 -5.32
CA ILE A 174 -18.89 -9.98 -4.48
C ILE A 174 -17.56 -9.22 -4.55
N ALA A 175 -17.64 -7.95 -4.96
CA ALA A 175 -16.48 -7.07 -5.01
C ALA A 175 -16.60 -6.06 -3.89
N THR A 176 -15.53 -5.91 -3.12
CA THR A 176 -15.46 -4.99 -2.00
C THR A 176 -14.23 -4.10 -2.19
N VAL A 177 -14.43 -2.78 -2.15
CA VAL A 177 -13.31 -1.84 -2.29
C VAL A 177 -12.68 -1.65 -0.90
N CYS A 178 -11.39 -1.95 -0.79
CA CYS A 178 -10.73 -1.91 0.50
C CYS A 178 -9.68 -0.81 0.53
N GLY A 179 -8.52 -1.06 1.13
CA GLY A 179 -7.53 0.01 1.18
C GLY A 179 -8.04 1.28 1.87
N SER A 180 -7.36 2.40 1.55
CA SER A 180 -7.71 3.67 2.18
C SER A 180 -9.17 4.07 1.91
N PHE A 181 -9.74 3.65 0.78
CA PHE A 181 -11.16 3.93 0.53
C PHE A 181 -12.02 3.37 1.65
N ARG A 182 -11.81 2.09 2.00
CA ARG A 182 -12.63 1.46 3.03
C ARG A 182 -12.36 2.07 4.41
N ARG A 183 -11.19 2.66 4.60
CA ARG A 183 -10.90 3.39 5.82
C ARG A 183 -11.47 4.81 5.81
N GLY A 184 -12.23 5.17 4.78
CA GLY A 184 -12.91 6.45 4.78
C GLY A 184 -12.11 7.62 4.25
N ALA A 185 -10.96 7.38 3.60
CA ALA A 185 -10.10 8.48 3.17
C ALA A 185 -10.83 9.38 2.19
N GLU A 186 -10.57 10.69 2.26
CA GLU A 186 -11.15 11.57 1.27
C GLU A 186 -10.40 11.55 -0.06
N SER A 187 -9.22 10.94 -0.09
CA SER A 187 -8.57 10.68 -1.37
C SER A 187 -7.77 9.39 -1.24
N SER A 188 -7.58 8.70 -2.38
CA SER A 188 -6.86 7.42 -2.41
C SER A 188 -5.75 7.44 -3.45
N GLY A 189 -4.69 6.69 -3.18
CA GLY A 189 -3.62 6.56 -4.16
C GLY A 189 -3.90 5.60 -5.30
N ASP A 190 -4.86 4.68 -5.10
CA ASP A 190 -5.25 3.68 -6.07
C ASP A 190 -6.60 3.13 -5.64
N MET A 191 -7.10 2.15 -6.39
CA MET A 191 -8.31 1.41 -6.01
C MET A 191 -7.95 -0.06 -5.77
N ASP A 192 -8.26 -0.56 -4.58
CA ASP A 192 -8.00 -1.94 -4.23
C ASP A 192 -9.33 -2.68 -4.08
N VAL A 193 -9.46 -3.81 -4.77
CA VAL A 193 -10.72 -4.52 -4.88
C VAL A 193 -10.50 -5.95 -4.38
N LEU A 194 -11.22 -6.32 -3.32
CA LEU A 194 -11.28 -7.71 -2.90
C LEU A 194 -12.41 -8.39 -3.66
N LEU A 195 -12.14 -9.57 -4.19
CA LEU A 195 -13.15 -10.30 -4.95
C LEU A 195 -13.39 -11.66 -4.31
N THR A 196 -14.65 -12.04 -4.16
CA THR A 196 -14.97 -13.42 -3.80
C THR A 196 -15.99 -13.98 -4.79
N HIS A 197 -16.07 -15.31 -4.82
CA HIS A 197 -17.00 -16.07 -5.63
C HIS A 197 -17.15 -17.42 -4.94
N PRO A 198 -18.38 -17.90 -4.72
CA PRO A 198 -18.57 -19.12 -3.93
C PRO A 198 -17.93 -20.36 -4.53
N SER A 199 -17.64 -20.37 -5.82
CA SER A 199 -16.93 -21.51 -6.39
C SER A 199 -15.48 -21.60 -5.95
N PHE A 200 -14.92 -20.55 -5.35
CA PHE A 200 -13.53 -20.55 -4.88
C PHE A 200 -13.52 -20.43 -3.37
N THR A 201 -13.20 -21.52 -2.68
CA THR A 201 -13.09 -21.56 -1.23
C THR A 201 -11.75 -22.19 -0.87
N SER A 202 -11.46 -22.23 0.43
CA SER A 202 -10.26 -22.92 0.90
C SER A 202 -10.35 -24.42 0.68
N GLU A 203 -11.53 -24.94 0.33
CA GLU A 203 -11.70 -26.37 0.12
C GLU A 203 -11.49 -26.78 -1.33
N SER A 204 -11.94 -25.95 -2.27
CA SER A 204 -11.84 -26.33 -3.67
C SER A 204 -11.99 -25.11 -4.56
N THR A 205 -11.43 -25.21 -5.74
CA THR A 205 -11.66 -24.28 -6.83
C THR A 205 -12.51 -25.04 -7.85
N LYS A 206 -13.81 -24.77 -7.84
CA LYS A 206 -14.78 -25.45 -8.68
C LYS A 206 -14.94 -24.81 -10.05
N GLN A 207 -14.33 -23.64 -10.28
CA GLN A 207 -14.48 -22.95 -11.54
C GLN A 207 -13.16 -22.28 -11.84
N PRO A 208 -12.58 -22.47 -13.03
CA PRO A 208 -11.34 -21.79 -13.38
C PRO A 208 -11.60 -20.36 -13.86
N LYS A 209 -10.51 -19.62 -14.01
CA LYS A 209 -10.51 -18.30 -14.66
C LYS A 209 -11.41 -17.29 -13.93
N LEU A 210 -11.58 -17.46 -12.62
CA LEU A 210 -12.50 -16.58 -11.89
C LEU A 210 -12.01 -15.14 -11.92
N LEU A 211 -10.72 -14.92 -11.67
CA LEU A 211 -10.17 -13.56 -11.76
C LEU A 211 -10.09 -13.09 -13.21
N HIS A 212 -9.67 -13.99 -14.12
CA HIS A 212 -9.52 -13.64 -15.53
C HIS A 212 -10.81 -13.08 -16.11
N GLN A 213 -11.94 -13.75 -15.85
CA GLN A 213 -13.21 -13.33 -16.43
C GLN A 213 -13.57 -11.91 -16.01
N VAL A 214 -13.29 -11.57 -14.76
CA VAL A 214 -13.56 -10.21 -14.30
C VAL A 214 -12.60 -9.22 -14.96
N VAL A 215 -11.32 -9.57 -15.05
CA VAL A 215 -10.37 -8.67 -15.72
C VAL A 215 -10.78 -8.46 -17.17
N GLU A 216 -11.22 -9.52 -17.85
CA GLU A 216 -11.62 -9.44 -19.26
C GLU A 216 -12.82 -8.51 -19.45
N GLN A 217 -13.85 -8.68 -18.60
CA GLN A 217 -15.01 -7.80 -18.65
C GLN A 217 -14.65 -6.33 -18.45
N LEU A 218 -13.74 -6.05 -17.50
CA LEU A 218 -13.32 -4.67 -17.25
C LEU A 218 -12.46 -4.12 -18.38
N GLN A 219 -11.69 -4.99 -19.03
CA GLN A 219 -11.00 -4.58 -20.24
C GLN A 219 -11.99 -4.36 -21.39
N LYS A 220 -13.04 -5.17 -21.46
CA LYS A 220 -13.96 -5.11 -22.59
C LYS A 220 -14.66 -3.75 -22.65
N VAL A 221 -15.02 -3.21 -21.49
CA VAL A 221 -15.72 -1.93 -21.40
C VAL A 221 -14.71 -0.82 -21.18
N HIS A 222 -13.44 -1.11 -21.43
CA HIS A 222 -12.36 -0.11 -21.46
C HIS A 222 -12.13 0.54 -20.09
N PHE A 223 -12.45 -0.16 -19.00
CA PHE A 223 -12.08 0.34 -17.69
C PHE A 223 -10.62 0.01 -17.37
N ILE A 224 -10.27 -1.27 -17.43
CA ILE A 224 -8.86 -1.67 -17.31
C ILE A 224 -8.17 -1.43 -18.64
N THR A 225 -7.05 -0.71 -18.60
CA THR A 225 -6.32 -0.29 -19.79
C THR A 225 -4.97 -0.96 -19.94
N ASP A 226 -4.36 -1.37 -18.83
CA ASP A 226 -3.02 -1.93 -18.87
C ASP A 226 -2.88 -2.92 -17.72
N THR A 227 -1.98 -3.87 -17.92
CA THR A 227 -1.73 -4.92 -16.93
C THR A 227 -0.28 -4.82 -16.49
N LEU A 228 -0.06 -4.64 -15.18
CA LEU A 228 1.29 -4.73 -14.64
C LEU A 228 1.67 -6.16 -14.33
N SER A 229 0.76 -6.93 -13.73
CA SER A 229 1.02 -8.32 -13.43
C SER A 229 -0.32 -9.00 -13.17
N LYS A 230 -0.34 -10.32 -13.35
CA LYS A 230 -1.62 -11.03 -13.30
C LYS A 230 -1.37 -12.51 -13.10
N GLY A 231 -1.99 -13.08 -12.07
CA GLY A 231 -2.00 -14.51 -11.87
C GLY A 231 -3.40 -14.96 -11.50
N GLU A 232 -3.50 -16.13 -10.86
CA GLU A 232 -4.81 -16.70 -10.55
C GLU A 232 -5.54 -15.93 -9.45
N THR A 233 -4.82 -15.24 -8.56
CA THR A 233 -5.50 -14.60 -7.44
C THR A 233 -5.18 -13.12 -7.25
N LYS A 234 -4.20 -12.56 -7.96
CA LYS A 234 -3.86 -11.15 -7.84
C LYS A 234 -3.69 -10.53 -9.21
N PHE A 235 -4.34 -9.39 -9.42
CA PHE A 235 -4.18 -8.58 -10.62
C PHE A 235 -3.64 -7.22 -10.22
N MET A 236 -2.63 -6.74 -10.94
CA MET A 236 -2.08 -5.41 -10.73
C MET A 236 -2.08 -4.70 -12.07
N GLY A 237 -2.82 -3.62 -12.18
CA GLY A 237 -2.90 -2.92 -13.45
C GLY A 237 -3.35 -1.50 -13.42
N VAL A 238 -3.93 -1.06 -14.53
CA VAL A 238 -4.24 0.34 -14.76
C VAL A 238 -5.69 0.45 -15.21
N CYS A 239 -6.38 1.49 -14.74
CA CYS A 239 -7.77 1.70 -15.13
C CYS A 239 -8.02 3.19 -15.41
N GLN A 240 -9.18 3.50 -16.00
CA GLN A 240 -9.52 4.88 -16.30
C GLN A 240 -11.04 5.07 -16.32
N LEU A 241 -11.52 6.10 -15.65
CA LEU A 241 -12.91 6.47 -15.76
C LEU A 241 -13.24 6.96 -17.18
N PRO A 242 -14.44 6.71 -17.67
CA PRO A 242 -14.84 7.29 -18.96
C PRO A 242 -15.24 8.74 -18.76
N SER A 243 -14.94 9.54 -19.77
CA SER A 243 -15.22 10.96 -19.76
C SER A 243 -16.33 11.26 -20.77
N LYS A 244 -17.08 12.33 -20.53
CA LYS A 244 -18.20 12.66 -21.40
C LYS A 244 -17.72 13.37 -22.66
N ASN A 245 -18.66 13.72 -23.53
CA ASN A 245 -18.32 14.44 -24.76
C ASN A 245 -17.69 15.79 -24.44
N ASP A 246 -16.59 16.10 -25.14
CA ASP A 246 -15.81 17.32 -25.01
C ASP A 246 -15.10 17.43 -23.67
N GLU A 247 -15.22 16.43 -22.79
CA GLU A 247 -14.55 16.47 -21.49
C GLU A 247 -13.11 16.00 -21.59
N LYS A 248 -12.22 16.68 -20.89
CA LYS A 248 -10.86 16.18 -20.70
C LYS A 248 -10.90 14.78 -20.12
N GLU A 249 -9.92 13.97 -20.48
CA GLU A 249 -9.92 12.60 -19.96
C GLU A 249 -9.49 12.59 -18.51
N TYR A 250 -10.03 11.65 -17.75
CA TYR A 250 -9.55 11.43 -16.40
C TYR A 250 -8.14 10.84 -16.46
N PRO A 251 -7.34 11.08 -15.42
CA PRO A 251 -6.03 10.42 -15.35
C PRO A 251 -6.17 8.91 -15.29
N HIS A 252 -5.13 8.21 -15.72
CA HIS A 252 -5.11 6.77 -15.53
C HIS A 252 -4.78 6.45 -14.08
N ARG A 253 -5.34 5.35 -13.57
CA ARG A 253 -5.25 5.03 -12.16
C ARG A 253 -4.75 3.61 -11.95
N ARG A 254 -4.08 3.39 -10.83
CA ARG A 254 -3.66 2.05 -10.47
C ARG A 254 -4.84 1.28 -9.88
N ILE A 255 -4.98 0.02 -10.28
CA ILE A 255 -5.99 -0.85 -9.69
C ILE A 255 -5.34 -2.18 -9.32
N ASP A 256 -5.62 -2.64 -8.11
CA ASP A 256 -5.19 -3.93 -7.59
C ASP A 256 -6.42 -4.75 -7.28
N ILE A 257 -6.43 -6.01 -7.69
CA ILE A 257 -7.55 -6.88 -7.39
C ILE A 257 -7.02 -8.17 -6.76
N ARG A 258 -7.66 -8.59 -5.67
CA ARG A 258 -7.23 -9.76 -4.92
C ARG A 258 -8.43 -10.69 -4.82
N LEU A 259 -8.30 -11.90 -5.36
CA LEU A 259 -9.36 -12.90 -5.27
C LEU A 259 -9.07 -13.78 -4.07
N ILE A 260 -10.02 -13.82 -3.13
CA ILE A 260 -9.81 -14.43 -1.82
C ILE A 260 -10.82 -15.57 -1.67
N PRO A 261 -10.42 -16.71 -1.12
CA PRO A 261 -11.42 -17.77 -0.84
C PRO A 261 -12.59 -17.24 -0.02
N LYS A 262 -13.81 -17.56 -0.48
CA LYS A 262 -15.00 -16.93 0.07
C LYS A 262 -15.19 -17.24 1.55
N ASP A 263 -14.74 -18.40 2.02
CA ASP A 263 -14.80 -18.67 3.45
C ASP A 263 -13.73 -17.93 4.23
N GLN A 264 -12.77 -17.30 3.55
CA GLN A 264 -11.70 -16.59 4.23
C GLN A 264 -11.82 -15.08 4.06
N TYR A 265 -13.05 -14.60 3.86
CA TYR A 265 -13.32 -13.20 3.54
C TYR A 265 -12.81 -12.26 4.63
N TYR A 266 -13.08 -12.57 5.90
CA TYR A 266 -12.81 -11.59 6.95
C TYR A 266 -11.32 -11.38 7.17
N CYS A 267 -10.53 -12.45 7.14
CA CYS A 267 -9.08 -12.26 7.16
C CYS A 267 -8.61 -11.49 5.93
N GLY A 268 -9.24 -11.77 4.78
CA GLY A 268 -8.84 -11.09 3.55
C GLY A 268 -9.19 -9.62 3.58
N VAL A 269 -10.39 -9.28 4.07
CA VAL A 269 -10.78 -7.87 4.11
C VAL A 269 -10.03 -7.14 5.20
N LEU A 270 -9.65 -7.83 6.29
CA LEU A 270 -8.82 -7.19 7.29
C LEU A 270 -7.47 -6.82 6.69
N TYR A 271 -6.84 -7.77 6.01
CA TYR A 271 -5.55 -7.52 5.36
C TYR A 271 -5.69 -6.40 4.32
N PHE A 272 -6.67 -6.50 3.42
CA PHE A 272 -6.71 -5.56 2.30
C PHE A 272 -7.23 -4.18 2.71
N THR A 273 -7.82 -4.04 3.90
CA THR A 273 -8.19 -2.72 4.37
C THR A 273 -6.98 -1.96 4.95
N GLY A 274 -6.04 -2.67 5.57
CA GLY A 274 -4.85 -2.01 6.08
C GLY A 274 -5.11 -1.02 7.22
N SER A 275 -4.30 0.03 7.37
CA SER A 275 -3.08 0.30 6.59
C SER A 275 -2.00 -0.76 6.71
N ASP A 276 -0.93 -0.60 5.93
CA ASP A 276 0.20 -1.51 6.03
C ASP A 276 0.82 -1.47 7.42
N ILE A 277 1.03 -0.27 7.97
CA ILE A 277 1.59 -0.18 9.31
C ILE A 277 0.62 -0.75 10.34
N PHE A 278 -0.69 -0.56 10.12
CA PHE A 278 -1.66 -1.16 11.02
C PHE A 278 -1.57 -2.68 10.99
N ASN A 279 -1.43 -3.25 9.79
CA ASN A 279 -1.28 -4.69 9.67
C ASN A 279 -0.02 -5.18 10.39
N LYS A 280 1.11 -4.48 10.18
CA LYS A 280 2.35 -4.84 10.85
C LYS A 280 2.17 -4.79 12.37
N ASN A 281 1.56 -3.72 12.89
CA ASN A 281 1.35 -3.63 14.33
C ASN A 281 0.44 -4.74 14.83
N MET A 282 -0.64 -5.00 14.11
CA MET A 282 -1.58 -6.02 14.55
C MET A 282 -0.95 -7.41 14.48
N ARG A 283 -0.20 -7.68 13.41
CA ARG A 283 0.41 -9.00 13.27
C ARG A 283 1.55 -9.21 14.28
N ALA A 284 2.30 -8.15 14.61
CA ALA A 284 3.31 -8.30 15.65
C ALA A 284 2.67 -8.60 17.00
N HIS A 285 1.58 -7.89 17.34
CA HIS A 285 0.87 -8.15 18.59
C HIS A 285 0.31 -9.56 18.64
N ALA A 286 -0.26 -10.03 17.51
CA ALA A 286 -0.71 -11.41 17.41
C ALA A 286 0.39 -12.40 17.77
N LEU A 287 1.59 -12.19 17.22
CA LEU A 287 2.74 -13.02 17.56
C LEU A 287 2.99 -13.01 19.06
N GLU A 288 3.06 -11.81 19.66
CA GLU A 288 3.28 -11.71 21.09
C GLU A 288 2.21 -12.46 21.87
N LYS A 289 1.00 -12.55 21.31
CA LYS A 289 -0.09 -13.28 21.95
C LYS A 289 -0.11 -14.76 21.56
N GLY A 290 0.79 -15.19 20.67
CA GLY A 290 0.85 -16.59 20.29
C GLY A 290 -0.03 -16.97 19.12
N PHE A 291 -0.28 -16.03 18.21
CA PHE A 291 -1.02 -16.30 16.99
C PHE A 291 -0.24 -15.75 15.82
N THR A 292 -0.54 -16.26 14.62
CA THR A 292 -0.04 -15.67 13.39
C THR A 292 -1.23 -15.38 12.49
N ILE A 293 -1.22 -14.19 11.89
CA ILE A 293 -2.31 -13.72 11.02
C ILE A 293 -1.75 -13.48 9.63
N ASN A 294 -2.43 -14.04 8.62
CA ASN A 294 -2.23 -13.64 7.24
C ASN A 294 -3.57 -13.27 6.61
N GLU A 295 -3.59 -13.04 5.29
CA GLU A 295 -4.82 -12.61 4.65
C GLU A 295 -5.84 -13.73 4.56
N TYR A 296 -5.47 -14.95 4.97
CA TYR A 296 -6.34 -16.12 4.86
C TYR A 296 -6.85 -16.62 6.21
N THR A 297 -5.98 -16.67 7.21
CA THR A 297 -6.28 -17.37 8.44
C THR A 297 -5.67 -16.64 9.62
N ILE A 298 -6.14 -17.00 10.80
CA ILE A 298 -5.45 -16.78 12.06
C ILE A 298 -5.24 -18.15 12.70
N ARG A 299 -4.00 -18.42 13.08
CA ARG A 299 -3.60 -19.72 13.60
C ARG A 299 -2.79 -19.52 14.87
N PRO A 300 -2.85 -20.46 15.80
CA PRO A 300 -2.01 -20.37 16.99
C PRO A 300 -0.59 -20.81 16.69
N LEU A 301 0.34 -20.31 17.50
CA LEU A 301 1.72 -20.79 17.50
C LEU A 301 1.90 -21.78 18.64
N GLY A 302 2.27 -23.02 18.32
CA GLY A 302 2.65 -23.98 19.33
C GLY A 302 3.89 -23.53 20.06
N VAL A 303 4.33 -24.35 21.03
CA VAL A 303 5.62 -24.12 21.67
C VAL A 303 6.75 -24.19 20.65
N THR A 304 6.59 -25.08 19.66
CA THR A 304 7.51 -25.17 18.53
C THR A 304 7.72 -23.83 17.84
N GLY A 305 6.67 -23.01 17.77
CA GLY A 305 6.63 -21.87 16.89
C GLY A 305 5.94 -22.14 15.58
N VAL A 306 5.66 -23.40 15.26
CA VAL A 306 5.00 -23.77 14.01
C VAL A 306 3.51 -23.52 14.13
N ALA A 307 2.93 -22.94 13.09
CA ALA A 307 1.51 -22.61 13.08
C ALA A 307 0.66 -23.87 13.20
N GLY A 308 -0.42 -23.75 13.98
CA GLY A 308 -1.41 -24.79 14.09
C GLY A 308 -2.49 -24.63 13.04
N GLU A 309 -3.67 -25.17 13.36
CA GLU A 309 -4.81 -25.14 12.44
C GLU A 309 -5.52 -23.79 12.47
N PRO A 310 -6.15 -23.42 11.36
CA PRO A 310 -6.93 -22.18 11.33
C PRO A 310 -8.04 -22.18 12.37
N LEU A 311 -8.15 -21.07 13.11
CA LEU A 311 -9.18 -20.86 14.10
C LEU A 311 -10.46 -20.35 13.44
N PRO A 312 -11.62 -20.66 14.00
CA PRO A 312 -12.88 -20.22 13.37
C PRO A 312 -13.04 -18.70 13.44
N VAL A 313 -13.41 -18.09 12.31
CA VAL A 313 -13.53 -16.65 12.16
C VAL A 313 -14.86 -16.35 11.48
N ASP A 314 -15.70 -15.56 12.14
CA ASP A 314 -17.01 -15.21 11.58
C ASP A 314 -17.23 -13.72 11.48
N SER A 315 -16.23 -12.91 11.79
CA SER A 315 -16.28 -11.47 11.56
C SER A 315 -14.86 -10.95 11.68
N GLU A 316 -14.66 -9.69 11.28
CA GLU A 316 -13.37 -9.06 11.56
C GLU A 316 -13.11 -9.05 13.05
N LYS A 317 -14.13 -8.77 13.85
CA LYS A 317 -13.98 -8.62 15.29
C LYS A 317 -13.44 -9.89 15.94
N ASP A 318 -13.80 -11.06 15.43
CA ASP A 318 -13.28 -12.31 15.98
C ASP A 318 -11.75 -12.30 15.99
N ILE A 319 -11.15 -11.82 14.90
CA ILE A 319 -9.69 -11.79 14.82
C ILE A 319 -9.12 -10.89 15.91
N PHE A 320 -9.70 -9.70 16.08
CA PHE A 320 -9.32 -8.83 17.19
C PHE A 320 -9.46 -9.53 18.54
N ASP A 321 -10.59 -10.23 18.75
CA ASP A 321 -10.84 -10.87 20.03
C ASP A 321 -9.77 -11.91 20.36
N TYR A 322 -9.32 -12.67 19.36
CA TYR A 322 -8.31 -13.70 19.61
C TYR A 322 -7.06 -13.11 20.22
N ILE A 323 -6.67 -11.91 19.78
CA ILE A 323 -5.42 -11.30 20.21
C ILE A 323 -5.64 -10.29 21.32
N GLN A 324 -6.85 -10.21 21.86
CA GLN A 324 -7.17 -9.39 23.04
C GLN A 324 -7.01 -7.90 22.74
N TRP A 325 -7.55 -7.48 21.59
CA TRP A 325 -7.57 -6.09 21.15
C TRP A 325 -9.01 -5.63 21.08
N LYS A 326 -9.28 -4.40 21.52
CA LYS A 326 -10.59 -3.81 21.25
C LYS A 326 -10.77 -3.68 19.74
N TYR A 327 -12.01 -3.86 19.28
CA TYR A 327 -12.27 -3.74 17.85
C TYR A 327 -12.00 -2.32 17.39
N ARG A 328 -11.37 -2.19 16.24
CA ARG A 328 -11.14 -0.89 15.63
C ARG A 328 -11.79 -0.85 14.25
N GLU A 329 -12.77 0.04 14.10
CA GLU A 329 -13.39 0.38 12.82
C GLU A 329 -12.31 0.69 11.78
N PRO A 330 -12.57 0.41 10.50
CA PRO A 330 -11.59 0.74 9.46
C PRO A 330 -11.04 2.15 9.53
N LYS A 331 -11.90 3.14 9.77
CA LYS A 331 -11.49 4.54 9.79
C LYS A 331 -10.45 4.80 10.86
N ASP A 332 -10.33 3.92 11.85
CA ASP A 332 -9.35 4.05 12.92
C ASP A 332 -8.13 3.16 12.70
N ARG A 333 -7.92 2.69 11.47
CA ARG A 333 -6.77 1.84 11.15
C ARG A 333 -5.80 2.55 10.22
N SER A 334 -5.90 3.87 10.07
CA SER A 334 -5.01 4.59 9.17
C SER A 334 -3.73 4.95 9.93
N GLU A 335 -2.96 3.93 10.22
CA GLU A 335 -1.69 4.15 10.91
C GLU A 335 -0.62 4.35 9.86
P 8OG B 7 3.87 -13.16 10.77
OP1 8OG B 7 2.76 -13.79 11.56
OP2 8OG B 7 5.28 -13.61 11.07
O5' 8OG B 7 3.57 -13.31 9.14
C5' 8OG B 7 2.23 -13.29 8.72
C4' 8OG B 7 2.24 -12.86 7.25
O4' 8OG B 7 2.93 -11.75 7.11
C3' 8OG B 7 3.00 -13.90 6.36
O3' 8OG B 7 2.11 -14.89 6.02
C2' 8OG B 7 3.50 -13.05 5.19
C1' 8OG B 7 3.41 -11.76 5.58
N9 8OG B 7 4.67 -11.01 5.53
C8 8OG B 7 5.81 -11.28 6.13
N7 8OG B 7 6.74 -10.36 5.84
C5 8OG B 7 6.15 -9.48 5.02
C6 8OG B 7 6.59 -8.30 4.37
O6 8OG B 7 7.89 -7.84 4.54
N1 8OG B 7 5.72 -7.64 3.61
C2 8OG B 7 4.48 -8.05 3.44
N2 8OG B 7 3.55 -7.28 2.60
N3 8OG B 7 4.02 -9.16 4.05
C4 8OG B 7 4.84 -9.88 4.84
O8 8OG B 7 6.02 -12.36 6.94
MG MG E . -3.11 -1.09 -3.97
MG MG F . -4.72 1.53 -2.05
NA NA G . 8.79 2.32 -7.97
NA NA H . 10.20 5.89 22.75
CL CL I . 18.14 -2.34 7.90
CL CL J . -3.05 -19.95 5.77
C3B SFV K . -2.93 3.61 0.75
O2B SFV K . -4.79 1.69 0.03
PA SFV K . -2.17 -0.10 -0.87
O1A SFV K . -3.14 0.19 -1.98
O2A SFV K . -0.77 0.06 -1.36
O3A SFV K . -2.34 0.88 0.41
O5' SFV K . -2.44 -1.65 -0.31
PB SFV K . -3.57 1.88 0.89
O1B SFV K . -3.88 1.64 2.33
PG SFV K . -3.26 4.23 -0.99
O1G SFV K . -2.08 5.10 -1.43
O2G SFV K . -4.56 4.99 -0.90
O3G SFV K . -3.32 3.04 -1.92
C5' SFV K . -3.76 -1.98 0.12
C4' SFV K . -3.71 -2.64 1.41
O4' SFV K . -2.62 -3.91 1.33
C1' SFV K . -2.09 -4.06 2.52
N1 SFV K . -0.64 -3.89 2.54
C6 SFV K . -0.02 -3.09 1.70
C2 SFV K . 0.03 -4.55 3.48
O2 SFV K . -0.57 -5.24 4.22
N3 SFV K . 1.33 -4.45 3.60
C4 SFV K . 2.03 -3.65 2.79
N4 SFV K . 3.43 -3.52 2.92
C5 SFV K . 1.36 -2.95 1.80
C2' SFV K . -2.76 -2.90 3.45
C3' SFV K . -3.24 -1.84 2.43
O3' SFV K . -4.27 -1.02 3.04
#